data_2BWF
#
_entry.id   2BWF
#
_cell.length_a   49.415
_cell.length_b   49.587
_cell.length_c   58.771
_cell.angle_alpha   90.00
_cell.angle_beta   90.00
_cell.angle_gamma   90.00
#
_symmetry.space_group_name_H-M   'P 21 21 21'
#
loop_
_entity.id
_entity.type
_entity.pdbx_description
1 polymer 'UBIQUITIN-LIKE PROTEIN DSK2'
2 non-polymer 'FORMIC ACID'
3 water water
#
_entity_poly.entity_id   1
_entity_poly.type   'polypeptide(L)'
_entity_poly.pdbx_seq_one_letter_code
;LDMSLNIHIKSGQDKWEVNVAPESTVLQFKEAINKANGIPVANQRLIYSGKILKDDQTVESYHIQDGHSVHLVKSQP
;
_entity_poly.pdbx_strand_id   A,B
#
loop_
_chem_comp.id
_chem_comp.type
_chem_comp.name
_chem_comp.formula
FMT non-polymer 'FORMIC ACID' 'C H2 O2'
#
# COMPACT_ATOMS: atom_id res chain seq x y z
N LEU A 1 -11.49 7.40 6.15
CA LEU A 1 -10.27 6.63 5.80
C LEU A 1 -9.63 7.12 4.52
N ASP A 2 -8.30 7.07 4.47
CA ASP A 2 -7.56 7.31 3.23
C ASP A 2 -7.94 6.28 2.15
N MET A 3 -8.06 6.74 0.90
CA MET A 3 -8.26 5.85 -0.24
C MET A 3 -6.92 5.41 -0.79
N SER A 4 -6.91 4.23 -1.41
CA SER A 4 -5.69 3.68 -1.97
C SER A 4 -5.98 2.87 -3.22
N LEU A 5 -4.98 2.81 -4.10
CA LEU A 5 -5.02 2.08 -5.35
C LEU A 5 -3.88 1.07 -5.32
N ASN A 6 -4.22 -0.18 -5.62
CA ASN A 6 -3.25 -1.26 -5.82
C ASN A 6 -2.94 -1.34 -7.32
N ILE A 7 -1.72 -0.98 -7.71
CA ILE A 7 -1.35 -0.85 -9.12
C ILE A 7 -0.19 -1.77 -9.42
N HIS A 8 -0.31 -2.50 -10.53
CA HIS A 8 0.74 -3.40 -11.03
C HIS A 8 1.63 -2.62 -11.96
N ILE A 9 2.93 -2.78 -11.82
CA ILE A 9 3.90 -2.10 -12.64
C ILE A 9 4.58 -3.18 -13.47
N LYS A 10 4.53 -3.01 -14.79
CA LYS A 10 5.01 -4.03 -15.73
C LYS A 10 6.18 -3.51 -16.51
N SER A 11 7.21 -4.32 -16.65
CA SER A 11 8.31 -4.02 -17.55
C SER A 11 8.83 -5.33 -18.13
N GLY A 12 8.44 -5.64 -19.35
CA GLY A 12 8.81 -6.90 -19.98
C GLY A 12 8.23 -8.08 -19.24
N GLN A 13 9.09 -8.95 -18.74
CA GLN A 13 8.64 -10.09 -17.96
C GLN A 13 8.47 -9.75 -16.50
N ASP A 14 8.97 -8.59 -16.07
CA ASP A 14 8.94 -8.23 -14.67
C ASP A 14 7.64 -7.55 -14.29
N LYS A 15 7.23 -7.78 -13.06
CA LYS A 15 6.05 -7.13 -12.51
C LYS A 15 6.21 -6.91 -11.03
N TRP A 16 5.85 -5.70 -10.60
CA TRP A 16 5.87 -5.35 -9.20
C TRP A 16 4.48 -4.81 -8.86
N GLU A 17 4.20 -4.67 -7.58
CA GLU A 17 2.94 -4.13 -7.07
C GLU A 17 3.25 -2.95 -6.16
N VAL A 18 2.48 -1.88 -6.29
CA VAL A 18 2.55 -0.78 -5.34
C VAL A 18 1.14 -0.39 -4.90
N ASN A 19 1.09 0.42 -3.86
CA ASN A 19 -0.13 0.89 -3.29
C ASN A 19 0.01 2.38 -3.03
N VAL A 20 -0.82 3.18 -3.69
CA VAL A 20 -0.65 4.62 -3.69
C VAL A 20 -1.99 5.31 -3.56
N ALA A 21 -1.96 6.50 -2.98
CA ALA A 21 -3.15 7.32 -2.88
C ALA A 21 -3.55 7.87 -4.24
N PRO A 22 -4.83 7.97 -4.55
CA PRO A 22 -5.25 8.61 -5.81
C PRO A 22 -4.73 10.03 -5.97
N GLU A 23 -4.63 10.78 -4.87
CA GLU A 23 -4.21 12.17 -4.93
C GLU A 23 -2.71 12.33 -5.04
N SER A 24 -1.94 11.25 -4.91
CA SER A 24 -0.49 11.39 -5.01
C SER A 24 -0.08 11.82 -6.40
N THR A 25 0.92 12.68 -6.45
CA THR A 25 1.53 12.98 -7.72
C THR A 25 2.26 11.76 -8.28
N VAL A 26 2.52 11.84 -9.57
CA VAL A 26 3.31 10.83 -10.25
C VAL A 26 4.73 10.74 -9.67
N LEU A 27 5.28 11.86 -9.18
CA LEU A 27 6.56 11.80 -8.50
C LEU A 27 6.49 10.89 -7.27
N GLN A 28 5.47 11.07 -6.43
CA GLN A 28 5.33 10.19 -5.27
C GLN A 28 5.02 8.74 -5.68
N PHE A 29 4.32 8.56 -6.79
CA PHE A 29 4.05 7.22 -7.33
C PHE A 29 5.39 6.55 -7.71
N LYS A 30 6.25 7.29 -8.41
CA LYS A 30 7.58 6.79 -8.77
C LYS A 30 8.43 6.48 -7.54
N GLU A 31 8.28 7.24 -6.46
CA GLU A 31 8.98 6.94 -5.23
C GLU A 31 8.51 5.61 -4.65
N ALA A 32 7.21 5.35 -4.66
CA ALA A 32 6.71 4.04 -4.25
C ALA A 32 7.24 2.91 -5.13
N ILE A 33 7.33 3.14 -6.44
CA ILE A 33 7.86 2.15 -7.35
C ILE A 33 9.34 1.90 -7.03
N ASN A 34 10.10 2.96 -6.77
CA ASN A 34 11.50 2.80 -6.40
C ASN A 34 11.65 1.97 -5.13
N LYS A 35 10.77 2.14 -4.16
CA LYS A 35 10.86 1.31 -2.95
C LYS A 35 10.58 -0.14 -3.27
N ALA A 36 9.73 -0.42 -4.25
CA ALA A 36 9.42 -1.78 -4.65
C ALA A 36 10.48 -2.44 -5.51
N ASN A 37 11.19 -1.70 -6.37
CA ASN A 37 12.04 -2.35 -7.36
C ASN A 37 13.44 -1.77 -7.51
N GLY A 38 13.75 -0.70 -6.78
CA GLY A 38 15.07 -0.12 -6.79
C GLY A 38 15.48 0.70 -7.99
N ILE A 39 14.59 0.83 -8.97
CA ILE A 39 14.91 1.63 -10.15
C ILE A 39 14.80 3.11 -9.75
N PRO A 40 15.86 3.91 -9.93
CA PRO A 40 15.78 5.31 -9.50
C PRO A 40 14.64 6.04 -10.16
N VAL A 41 14.01 6.93 -9.39
CA VAL A 41 12.90 7.74 -9.89
C VAL A 41 13.27 8.44 -11.20
N ALA A 42 14.47 8.97 -11.26
CA ALA A 42 14.94 9.70 -12.43
C ALA A 42 14.98 8.87 -13.70
N ASN A 43 15.08 7.55 -13.56
CA ASN A 43 15.15 6.63 -14.69
C ASN A 43 13.81 6.02 -15.08
N GLN A 44 12.73 6.36 -14.38
CA GLN A 44 11.43 5.78 -14.66
C GLN A 44 10.63 6.61 -15.65
N ARG A 45 10.28 6.01 -16.79
CA ARG A 45 9.25 6.52 -17.68
C ARG A 45 8.04 5.62 -17.48
N LEU A 46 6.93 6.20 -17.07
CA LEU A 46 5.70 5.44 -16.84
C LEU A 46 4.70 5.75 -17.93
N ILE A 47 4.00 4.71 -18.39
CA ILE A 47 3.03 4.85 -19.44
C ILE A 47 1.72 4.18 -19.02
N TYR A 48 0.62 4.91 -19.16
CA TYR A 48 -0.72 4.40 -18.92
C TYR A 48 -1.67 4.92 -19.99
N SER A 49 -2.53 4.06 -20.52
CA SER A 49 -3.45 4.41 -21.60
C SER A 49 -2.72 5.15 -22.73
N GLY A 50 -1.52 4.67 -23.04
CA GLY A 50 -0.74 5.19 -24.16
C GLY A 50 -0.03 6.50 -23.91
N LYS A 51 -0.07 7.03 -22.67
CA LYS A 51 0.46 8.34 -22.36
C LYS A 51 1.60 8.23 -21.34
N ILE A 52 2.65 8.99 -21.53
CA ILE A 52 3.69 9.13 -20.52
C ILE A 52 3.13 9.95 -19.36
N LEU A 53 3.28 9.45 -18.15
CA LEU A 53 2.80 10.15 -16.96
C LEU A 53 3.75 11.25 -16.56
N LYS A 54 3.19 12.42 -16.23
CA LYS A 54 3.96 13.59 -15.87
C LYS A 54 4.01 13.75 -14.36
N ASP A 55 5.18 14.11 -13.86
CA ASP A 55 5.48 14.11 -12.43
C ASP A 55 4.59 14.99 -11.56
N ASP A 56 4.08 16.07 -12.14
CA ASP A 56 3.26 17.04 -11.40
C ASP A 56 1.76 16.80 -11.55
N GLN A 57 1.35 15.71 -12.18
CA GLN A 57 -0.04 15.31 -12.27
C GLN A 57 -0.31 14.20 -11.26
N THR A 58 -1.55 14.03 -10.84
CA THR A 58 -1.85 12.96 -9.90
C THR A 58 -2.15 11.65 -10.61
N VAL A 59 -2.07 10.57 -9.84
CA VAL A 59 -2.43 9.26 -10.30
C VAL A 59 -3.90 9.25 -10.76
N GLU A 60 -4.76 9.85 -9.94
CA GLU A 60 -6.20 9.94 -10.21
C GLU A 60 -6.50 10.67 -11.52
N SER A 61 -5.69 11.68 -11.82
CA SER A 61 -5.93 12.48 -13.02
C SER A 61 -5.84 11.66 -14.30
N TYR A 62 -5.13 10.53 -14.23
CA TYR A 62 -5.02 9.61 -15.36
C TYR A 62 -6.08 8.50 -15.35
N HIS A 63 -6.92 8.51 -14.32
CA HIS A 63 -8.04 7.58 -14.18
C HIS A 63 -7.59 6.14 -14.00
N ILE A 64 -6.42 5.97 -13.41
CA ILE A 64 -5.90 4.66 -13.07
C ILE A 64 -6.75 4.12 -11.93
N GLN A 65 -7.28 2.92 -12.13
CA GLN A 65 -8.19 2.31 -11.18
C GLN A 65 -7.50 1.21 -10.39
N ASP A 66 -8.14 0.84 -9.29
CA ASP A 66 -7.62 -0.21 -8.43
C ASP A 66 -7.45 -1.49 -9.25
N GLY A 67 -6.26 -2.06 -9.17
CA GLY A 67 -5.91 -3.27 -9.91
C GLY A 67 -5.45 -3.09 -11.36
N HIS A 68 -5.35 -1.88 -11.86
CA HIS A 68 -4.82 -1.67 -13.22
C HIS A 68 -3.31 -1.79 -13.25
N SER A 69 -2.75 -1.72 -14.45
CA SER A 69 -1.32 -1.77 -14.65
C SER A 69 -0.80 -0.53 -15.33
N VAL A 70 0.42 -0.19 -14.97
CA VAL A 70 1.17 0.90 -15.55
C VAL A 70 2.49 0.31 -16.06
N HIS A 71 2.87 0.68 -17.28
CA HIS A 71 4.11 0.20 -17.88
C HIS A 71 5.28 1.08 -17.47
N LEU A 72 6.41 0.44 -17.17
CA LEU A 72 7.62 1.12 -16.82
C LEU A 72 8.68 0.85 -17.89
N VAL A 73 9.33 1.89 -18.33
CA VAL A 73 10.44 1.84 -19.25
C VAL A 73 11.60 2.53 -18.55
N LYS A 74 12.72 1.83 -18.36
CA LYS A 74 13.95 2.42 -17.85
C LYS A 74 14.51 3.33 -18.93
N SER A 75 14.77 4.57 -18.58
CA SER A 75 15.21 5.54 -19.58
C SER A 75 16.23 6.45 -18.96
N GLN A 76 17.02 7.10 -19.81
CA GLN A 76 18.03 8.02 -19.30
C GLN A 76 17.33 9.26 -18.74
N PRO A 77 17.85 9.84 -17.66
CA PRO A 77 17.17 10.97 -17.02
C PRO A 77 17.17 12.23 -17.87
N LEU B 1 3.19 -16.48 24.02
CA LEU B 1 2.93 -15.10 24.53
C LEU B 1 1.90 -14.39 23.65
N ASP B 2 0.79 -13.95 24.25
CA ASP B 2 -0.28 -13.24 23.56
C ASP B 2 -0.15 -11.73 23.74
N MET B 3 -0.74 -10.99 22.81
CA MET B 3 -0.89 -9.54 22.93
C MET B 3 0.42 -8.77 23.02
N SER B 4 1.51 -9.33 22.48
CA SER B 4 2.85 -8.83 22.78
C SER B 4 3.37 -7.72 21.85
N LEU B 5 2.69 -7.49 20.73
CA LEU B 5 3.03 -6.43 19.80
C LEU B 5 1.97 -5.33 19.84
N ASN B 6 2.40 -4.14 20.19
CA ASN B 6 1.57 -2.93 20.20
C ASN B 6 1.77 -2.26 18.86
N ILE B 7 0.73 -2.28 18.03
CA ILE B 7 0.79 -1.77 16.67
C ILE B 7 -0.15 -0.60 16.51
N HIS B 8 0.37 0.48 15.95
CA HIS B 8 -0.41 1.68 15.72
C HIS B 8 -1.08 1.56 14.37
N ILE B 9 -2.35 1.91 14.32
CA ILE B 9 -3.14 1.86 13.11
C ILE B 9 -3.49 3.29 12.74
N LYS B 10 -3.13 3.72 11.53
CA LYS B 10 -3.31 5.11 11.15
C LYS B 10 -4.14 5.20 9.88
N SER B 11 -4.99 6.22 9.82
CA SER B 11 -5.67 6.57 8.59
C SER B 11 -6.12 8.02 8.72
N GLY B 12 -5.63 8.88 7.84
CA GLY B 12 -6.06 10.26 7.86
C GLY B 12 -5.67 10.94 9.14
N GLN B 13 -6.65 11.55 9.81
CA GLN B 13 -6.45 12.22 11.10
C GLN B 13 -6.38 11.25 12.26
N ASP B 14 -6.83 10.01 12.02
CA ASP B 14 -7.07 9.06 13.10
C ASP B 14 -5.92 8.13 13.37
N LYS B 15 -5.83 7.75 14.64
CA LYS B 15 -4.88 6.76 15.08
C LYS B 15 -5.57 5.91 16.13
N TRP B 16 -5.34 4.62 16.02
CA TRP B 16 -5.76 3.65 17.00
C TRP B 16 -4.57 2.77 17.36
N GLU B 17 -4.76 1.95 18.38
CA GLU B 17 -3.76 0.99 18.84
C GLU B 17 -4.41 -0.37 18.97
N VAL B 18 -3.69 -1.41 18.57
CA VAL B 18 -4.05 -2.78 18.90
C VAL B 18 -2.86 -3.53 19.49
N ASN B 19 -3.15 -4.68 20.06
CA ASN B 19 -2.15 -5.51 20.71
C ASN B 19 -2.40 -6.93 20.28
N VAL B 20 -1.46 -7.49 19.52
CA VAL B 20 -1.61 -8.83 18.93
C VAL B 20 -0.32 -9.62 19.08
N ALA B 21 -0.44 -10.94 18.93
CA ALA B 21 0.73 -11.81 18.93
C ALA B 21 1.41 -11.81 17.57
N PRO B 22 2.73 -12.00 17.51
CA PRO B 22 3.41 -12.17 16.23
C PRO B 22 2.80 -13.30 15.40
N GLU B 23 2.30 -14.34 16.07
CA GLU B 23 1.74 -15.50 15.40
C GLU B 23 0.28 -15.27 14.93
N SER B 24 -0.31 -14.14 15.30
CA SER B 24 -1.67 -13.80 14.85
C SER B 24 -1.73 -13.76 13.33
N THR B 25 -2.82 -14.26 12.73
CA THR B 25 -3.02 -14.02 11.31
C THR B 25 -3.47 -12.58 11.08
N VAL B 26 -3.33 -12.13 9.85
CA VAL B 26 -3.78 -10.81 9.47
C VAL B 26 -5.31 -10.71 9.67
N LEU B 27 -6.04 -11.80 9.46
CA LEU B 27 -7.48 -11.77 9.72
C LEU B 27 -7.75 -11.47 11.19
N GLN B 28 -7.03 -12.15 12.08
CA GLN B 28 -7.17 -11.91 13.52
C GLN B 28 -6.74 -10.48 13.89
N PHE B 29 -5.71 -9.96 13.23
CA PHE B 29 -5.29 -8.56 13.36
C PHE B 29 -6.43 -7.60 12.97
N LYS B 30 -7.10 -7.88 11.87
CA LYS B 30 -8.25 -7.08 11.45
C LYS B 30 -9.42 -7.15 12.46
N GLU B 31 -9.65 -8.31 13.06
CA GLU B 31 -10.64 -8.41 14.11
C GLU B 31 -10.29 -7.52 15.30
N ALA B 32 -9.01 -7.48 15.69
CA ALA B 32 -8.58 -6.57 16.75
C ALA B 32 -8.78 -5.11 16.35
N ILE B 33 -8.50 -4.77 15.10
CA ILE B 33 -8.71 -3.41 14.61
C ILE B 33 -10.19 -3.06 14.68
N ASN B 34 -11.03 -3.97 14.22
CA ASN B 34 -12.47 -3.77 14.28
C ASN B 34 -12.98 -3.50 15.70
N LYS B 35 -12.43 -4.20 16.69
CA LYS B 35 -12.82 -3.95 18.07
C LYS B 35 -12.38 -2.55 18.52
N ALA B 36 -11.25 -2.08 18.00
CA ALA B 36 -10.74 -0.75 18.36
C ALA B 36 -11.46 0.41 17.66
N ASN B 37 -11.90 0.24 16.42
CA ASN B 37 -12.42 1.39 15.66
C ASN B 37 -13.76 1.17 14.95
N GLY B 38 -14.30 -0.03 15.02
CA GLY B 38 -15.59 -0.32 14.40
C GLY B 38 -15.60 -0.45 12.88
N ILE B 39 -14.46 -0.39 12.21
CA ILE B 39 -14.48 -0.57 10.76
C ILE B 39 -14.66 -2.07 10.52
N PRO B 40 -15.72 -2.47 9.79
CA PRO B 40 -15.92 -3.90 9.54
C PRO B 40 -14.69 -4.57 8.92
N VAL B 41 -14.41 -5.77 9.41
CA VAL B 41 -13.27 -6.56 8.96
C VAL B 41 -13.16 -6.66 7.43
N ALA B 42 -14.27 -6.94 6.76
CA ALA B 42 -14.26 -7.18 5.32
C ALA B 42 -13.96 -5.92 4.52
N ASN B 43 -14.12 -4.76 5.14
CA ASN B 43 -13.85 -3.48 4.51
C ASN B 43 -12.40 -2.98 4.66
N GLN B 44 -11.63 -3.60 5.55
CA GLN B 44 -10.28 -3.15 5.84
C GLN B 44 -9.28 -3.61 4.78
N ARG B 45 -8.46 -2.68 4.29
CA ARG B 45 -7.26 -2.99 3.54
C ARG B 45 -6.10 -2.41 4.33
N LEU B 46 -5.12 -3.23 4.65
CA LEU B 46 -3.99 -2.83 5.48
C LEU B 46 -2.73 -2.83 4.64
N ILE B 47 -1.94 -1.77 4.79
CA ILE B 47 -0.68 -1.60 4.05
C ILE B 47 0.46 -1.44 5.04
N TYR B 48 1.51 -2.24 4.86
CA TYR B 48 2.74 -2.15 5.64
C TYR B 48 3.92 -2.31 4.69
N SER B 49 4.90 -1.42 4.80
CA SER B 49 6.09 -1.43 3.93
C SER B 49 5.67 -1.46 2.45
N GLY B 50 4.59 -0.75 2.14
CA GLY B 50 4.13 -0.60 0.78
C GLY B 50 3.31 -1.76 0.22
N LYS B 51 3.08 -2.80 1.03
CA LYS B 51 2.38 -3.99 0.54
C LYS B 51 1.07 -4.21 1.30
N ILE B 52 0.09 -4.76 0.59
CA ILE B 52 -1.17 -5.17 1.22
C ILE B 52 -0.95 -6.42 2.05
N LEU B 53 -1.43 -6.40 3.29
CA LEU B 53 -1.39 -7.59 4.15
C LEU B 53 -2.50 -8.56 3.78
N LYS B 54 -2.15 -9.83 3.68
CA LYS B 54 -3.06 -10.90 3.30
C LYS B 54 -3.52 -11.71 4.51
N ASP B 55 -4.82 -11.99 4.54
CA ASP B 55 -5.51 -12.51 5.71
C ASP B 55 -4.90 -13.74 6.39
N ASP B 56 -4.47 -14.72 5.61
CA ASP B 56 -3.96 -15.97 6.19
C ASP B 56 -2.53 -15.88 6.68
N GLN B 57 -1.77 -14.87 6.25
CA GLN B 57 -0.38 -14.74 6.66
C GLN B 57 -0.29 -14.20 8.09
N THR B 58 0.81 -14.48 8.77
CA THR B 58 0.98 -13.98 10.13
C THR B 58 1.53 -12.57 10.13
N VAL B 59 1.29 -11.88 11.24
CA VAL B 59 1.83 -10.55 11.44
C VAL B 59 3.36 -10.59 11.35
N GLU B 60 3.98 -11.58 12.00
CA GLU B 60 5.44 -11.72 11.99
C GLU B 60 6.02 -11.99 10.62
N SER B 61 5.24 -12.56 9.69
CA SER B 61 5.77 -12.83 8.35
C SER B 61 6.05 -11.55 7.58
N TYR B 62 5.42 -10.45 7.98
CA TYR B 62 5.68 -9.13 7.39
C TYR B 62 6.75 -8.33 8.14
N HIS B 63 7.34 -8.93 9.17
CA HIS B 63 8.37 -8.28 10.00
C HIS B 63 7.81 -7.08 10.76
N ILE B 64 6.52 -7.13 11.06
CA ILE B 64 5.91 -6.09 11.87
C ILE B 64 6.31 -6.36 13.32
N GLN B 65 6.87 -5.35 13.95
CA GLN B 65 7.38 -5.49 15.31
C GLN B 65 6.67 -4.52 16.24
N ASP B 66 6.98 -4.66 17.52
CA ASP B 66 6.36 -3.85 18.55
C ASP B 66 6.65 -2.40 18.26
N GLY B 67 5.62 -1.55 18.32
CA GLY B 67 5.73 -0.13 18.10
C GLY B 67 5.64 0.33 16.65
N HIS B 68 5.54 -0.60 15.72
CA HIS B 68 5.41 -0.26 14.30
C HIS B 68 3.99 0.23 14.01
N SER B 69 3.82 0.83 12.83
CA SER B 69 2.53 1.33 12.37
C SER B 69 2.11 0.65 11.08
N VAL B 70 0.79 0.52 10.92
CA VAL B 70 0.18 -0.03 9.72
C VAL B 70 -0.88 0.96 9.24
N HIS B 71 -0.96 1.13 7.92
CA HIS B 71 -1.88 2.08 7.31
C HIS B 71 -3.18 1.38 6.94
N LEU B 72 -4.30 1.81 7.51
CA LEU B 72 -5.61 1.32 7.16
C LEU B 72 -6.18 2.22 6.07
N VAL B 73 -6.58 1.60 4.97
CA VAL B 73 -7.13 2.32 3.84
C VAL B 73 -8.41 1.66 3.36
N LYS B 74 -9.10 2.37 2.48
CA LYS B 74 -10.19 1.78 1.70
C LYS B 74 -9.85 1.88 0.21
N SER B 75 -10.23 0.89 -0.58
CA SER B 75 -9.91 0.96 -2.01
C SER B 75 -10.75 2.02 -2.69
N GLN B 76 -10.19 2.67 -3.69
CA GLN B 76 -10.93 3.68 -4.45
C GLN B 76 -11.98 2.98 -5.30
N PRO B 77 -13.24 3.42 -5.23
CA PRO B 77 -14.27 2.93 -6.15
C PRO B 77 -13.96 3.28 -7.61
C FMT C . -0.57 1.14 -22.61
O1 FMT C . -1.70 1.52 -22.93
O2 FMT C . 0.25 1.90 -22.08
C FMT D . 8.03 16.24 -3.72
O1 FMT D . 7.99 15.39 -2.88
O2 FMT D . 9.11 16.41 -4.29
#